data_5ZOF
#
_entry.id   5ZOF
#
_cell.length_a   47.670
_cell.length_b   92.730
_cell.length_c   102.780
_cell.angle_alpha   90.000
_cell.angle_beta   90.000
_cell.angle_gamma   90.000
#
_symmetry.space_group_name_H-M   'P 21 21 21'
#
loop_
_entity.id
_entity.type
_entity.pdbx_description
1 polymer 'Flap endonuclease 1'
2 polymer "DNA (5'-D(*CP*CP*TP*CP*TP*GP*CP*CP*TP*CP*AP*AP*GP*AP*CP*GP*GP*G)-3')"
3 polymer "DNA (5'-D(*GP*CP*CP*CP*GP*TP*CP*C)-3')"
4 polymer "DNA (5'-D(*AP*CP*TP*TP*TP*GP*AP*GP*GP*CP*AP*GP*AP*G)-3')"
5 non-polymer 'POTASSIUM ION'
6 water water
#
loop_
_entity_poly.entity_id
_entity_poly.type
_entity_poly.pdbx_seq_one_letter_code
_entity_poly.pdbx_strand_id
1 'polypeptide(L)'
;MGIQGLAKLIADVAPSAIRENDIKSYFGRKVAIDASMSIYQFLIAVRQGGDVLQNEEGETTSHLMGMFYRTIRMMENGIK
PVYVFDGKPPQLKSGELAKRSERRAEAEKQLQQAQAAGAEQEVEKFTKRLVKVTKQHNDECKHLLSLMGIPYLDAPSEAE
ASCAALVKAGKVYAAATEDMACLTFGSPVLMFHLTASEAKKLPIQEFHLSRILQELGLNQEQFVDLCILLGSDYCESIRG
IGPKRAVDLIQKHKSIEEIVRRLDPNKYPVPENWLHKEAHQLFLEPEVLDPESVELKWSEPNEEELIKFMCGEKQFSEER
IRSGVKRLSKSRQ
;
A
2 'polydeoxyribonucleotide' (DC)(DC)(DT)(DC)(DT)(DG)(DC)(DC)(DT)(DC)(DA)(DA)(DG)(DA)(DC)(DG)(DG)(DG) B
3 'polydeoxyribonucleotide' (DG)(DC)(DC)(DC)(DG)(DT)(DC)(DC) C
4 'polydeoxyribonucleotide' (DA)(DC)(DT)(DT)(DT)(DG)(DA)(DG)(DG)(DC)(DA)(DG)(DA)(DG) D
#
loop_
_chem_comp.id
_chem_comp.type
_chem_comp.name
_chem_comp.formula
DA DNA linking 2'-DEOXYADENOSINE-5'-MONOPHOSPHATE 'C10 H14 N5 O6 P'
DC DNA linking 2'-DEOXYCYTIDINE-5'-MONOPHOSPHATE 'C9 H14 N3 O7 P'
DG DNA linking 2'-DEOXYGUANOSINE-5'-MONOPHOSPHATE 'C10 H14 N5 O7 P'
DT DNA linking THYMIDINE-5'-MONOPHOSPHATE 'C10 H15 N2 O8 P'
K non-polymer 'POTASSIUM ION' 'K 1'
#
# COMPACT_ATOMS: atom_id res chain seq x y z
N GLY A 2 -1.29 -8.99 4.76
CA GLY A 2 -0.39 -8.12 5.46
C GLY A 2 0.25 -8.85 6.60
N ILE A 3 0.20 -8.21 7.77
CA ILE A 3 0.67 -8.79 9.01
C ILE A 3 -0.56 -8.98 9.90
N GLN A 4 -0.86 -10.22 10.24
CA GLN A 4 -2.03 -10.55 11.03
C GLN A 4 -1.93 -9.96 12.45
N GLY A 5 -2.77 -8.98 12.75
CA GLY A 5 -2.90 -8.42 14.07
C GLY A 5 -2.09 -7.18 14.34
N LEU A 6 -1.23 -6.76 13.41
CA LEU A 6 -0.20 -5.78 13.74
C LEU A 6 -0.79 -4.39 14.06
N ALA A 7 -1.79 -3.94 13.31
CA ALA A 7 -2.37 -2.64 13.64
C ALA A 7 -3.05 -2.68 15.01
N LYS A 8 -3.75 -3.76 15.32
CA LYS A 8 -4.40 -3.83 16.62
C LYS A 8 -3.34 -3.89 17.71
N LEU A 9 -2.25 -4.62 17.47
CA LEU A 9 -1.16 -4.71 18.45
C LEU A 9 -0.54 -3.35 18.71
N ILE A 10 -0.28 -2.57 17.65
CA ILE A 10 0.29 -1.26 17.85
C ILE A 10 -0.66 -0.37 18.64
N ALA A 11 -1.96 -0.36 18.29
CA ALA A 11 -2.92 0.41 19.07
C ALA A 11 -3.00 -0.09 20.51
N ASP A 12 -2.61 -1.34 20.76
CA ASP A 12 -2.76 -1.90 22.10
C ASP A 12 -1.53 -1.62 22.96
N VAL A 13 -0.35 -1.57 22.36
CA VAL A 13 0.90 -1.56 23.11
C VAL A 13 1.78 -0.34 22.79
N ALA A 14 1.61 0.27 21.63
CA ALA A 14 2.36 1.46 21.25
C ALA A 14 1.45 2.50 20.60
N PRO A 15 0.34 2.85 21.25
CA PRO A 15 -0.57 3.80 20.60
C PRO A 15 0.08 5.12 20.24
N SER A 16 1.19 5.49 20.88
CA SER A 16 1.82 6.77 20.56
C SER A 16 2.54 6.73 19.22
N ALA A 17 2.76 5.53 18.67
CA ALA A 17 3.30 5.39 17.32
C ALA A 17 2.25 5.69 16.25
N ILE A 18 1.00 5.91 16.65
CA ILE A 18 -0.09 6.19 15.73
C ILE A 18 -0.51 7.63 15.95
N ARG A 19 -0.39 8.46 14.92
CA ARG A 19 -0.78 9.85 15.02
C ARG A 19 -2.04 10.10 14.22
N GLU A 20 -2.99 10.81 14.82
CA GLU A 20 -4.21 11.13 14.11
C GLU A 20 -3.97 12.55 13.62
N ASN A 21 -4.01 12.72 12.30
CA ASN A 21 -3.72 14.01 11.68
C ASN A 21 -4.84 14.42 10.74
N ASP A 22 -5.03 15.73 10.62
CA ASP A 22 -6.04 16.29 9.71
C ASP A 22 -5.62 16.15 8.25
N ILE A 23 -6.60 15.92 7.39
CA ILE A 23 -6.32 15.78 5.96
C ILE A 23 -5.68 17.07 5.45
N LYS A 24 -6.00 18.19 6.09
CA LYS A 24 -5.44 19.47 5.64
C LYS A 24 -3.95 19.55 5.90
N SER A 25 -3.41 18.75 6.83
CA SER A 25 -1.97 18.82 7.06
C SER A 25 -1.16 18.03 6.04
N TYR A 26 -1.80 17.32 5.10
CA TYR A 26 -1.03 16.64 4.07
C TYR A 26 -0.88 17.48 2.80
N PHE A 27 -1.36 18.72 2.81
CA PHE A 27 -1.32 19.51 1.58
C PHE A 27 0.11 19.67 1.10
N GLY A 28 0.31 19.44 -0.20
CA GLY A 28 1.63 19.52 -0.78
C GLY A 28 2.51 18.30 -0.62
N ARG A 29 2.05 17.27 0.08
CA ARG A 29 2.88 16.09 0.30
C ARG A 29 2.75 15.11 -0.86
N LYS A 30 3.80 14.33 -1.08
CA LYS A 30 3.82 13.23 -2.03
C LYS A 30 3.66 11.91 -1.28
N VAL A 31 2.86 10.97 -1.84
CA VAL A 31 2.66 9.66 -1.21
C VAL A 31 2.68 8.58 -2.28
N ALA A 32 3.38 7.48 -1.98
CA ALA A 32 3.36 6.27 -2.81
C ALA A 32 2.12 5.43 -2.52
N ILE A 33 1.56 4.85 -3.57
CA ILE A 33 0.32 4.08 -3.50
C ILE A 33 0.46 2.82 -4.35
N ASP A 34 -0.01 1.69 -3.83
CA ASP A 34 0.08 0.39 -4.49
C ASP A 34 -1.02 0.30 -5.55
N ALA A 35 -0.64 0.36 -6.83
CA ALA A 35 -1.63 0.32 -7.90
C ALA A 35 -2.26 -1.05 -8.02
N SER A 36 -1.45 -2.10 -7.92
CA SER A 36 -1.98 -3.46 -7.97
C SER A 36 -3.06 -3.67 -6.93
N MET A 37 -2.78 -3.31 -5.68
CA MET A 37 -3.78 -3.52 -4.63
C MET A 37 -5.04 -2.75 -4.95
N SER A 38 -4.91 -1.48 -5.36
CA SER A 38 -6.08 -0.63 -5.53
C SER A 38 -6.91 -1.06 -6.72
N ILE A 39 -6.27 -1.46 -7.82
CA ILE A 39 -7.04 -2.02 -8.94
C ILE A 39 -7.89 -3.17 -8.44
N TYR A 40 -7.28 -4.08 -7.70
CA TYR A 40 -8.03 -5.22 -7.15
C TYR A 40 -9.24 -4.75 -6.32
N GLN A 41 -9.05 -3.78 -5.42
CA GLN A 41 -10.22 -3.34 -4.62
C GLN A 41 -11.30 -2.77 -5.52
N PHE A 42 -10.91 -2.05 -6.57
CA PHE A 42 -11.92 -1.53 -7.51
C PHE A 42 -12.67 -2.66 -8.21
N LEU A 43 -11.97 -3.75 -8.57
CA LEU A 43 -12.64 -4.84 -9.26
C LEU A 43 -13.71 -5.48 -8.39
N ILE A 44 -13.54 -5.39 -7.06
CA ILE A 44 -14.44 -6.04 -6.12
C ILE A 44 -15.59 -5.12 -5.73
N ALA A 45 -15.31 -3.82 -5.62
CA ALA A 45 -16.29 -2.90 -5.02
C ALA A 45 -17.15 -2.20 -6.08
N VAL A 46 -16.56 -1.84 -7.22
CA VAL A 46 -17.26 -1.01 -8.21
C VAL A 46 -18.06 -1.97 -9.08
N ARG A 47 -19.22 -2.39 -8.58
CA ARG A 47 -20.06 -3.37 -9.26
C ARG A 47 -21.48 -2.86 -9.37
N GLN A 48 -22.19 -3.39 -10.37
CA GLN A 48 -23.57 -3.03 -10.65
C GLN A 48 -24.28 -4.27 -11.16
N GLY A 49 -25.35 -4.68 -10.46
CA GLY A 49 -26.07 -5.87 -10.84
C GLY A 49 -25.21 -7.12 -10.89
N GLY A 50 -24.33 -7.29 -9.91
CA GLY A 50 -23.48 -8.45 -9.89
C GLY A 50 -22.27 -8.41 -10.81
N ASP A 51 -22.10 -7.38 -11.62
CA ASP A 51 -21.02 -7.35 -12.59
C ASP A 51 -20.20 -6.08 -12.43
N VAL A 52 -18.97 -6.11 -12.94
CA VAL A 52 -18.22 -4.87 -13.01
C VAL A 52 -18.88 -3.92 -14.01
N LEU A 53 -18.58 -2.64 -13.85
CA LEU A 53 -18.87 -1.70 -14.92
C LEU A 53 -18.10 -2.09 -16.18
N GLN A 54 -18.67 -1.75 -17.34
CA GLN A 54 -18.10 -2.17 -18.61
C GLN A 54 -18.75 -1.37 -19.73
N ASN A 55 -18.08 -1.33 -20.90
CA ASN A 55 -18.63 -0.66 -22.08
C ASN A 55 -19.56 -1.63 -22.82
N GLU A 56 -20.08 -1.20 -23.99
CA GLU A 56 -21.04 -2.02 -24.76
C GLU A 56 -20.41 -3.35 -25.17
N GLU A 57 -19.10 -3.36 -25.41
CA GLU A 57 -18.44 -4.58 -25.87
C GLU A 57 -17.97 -5.49 -24.73
N GLY A 58 -18.38 -5.20 -23.49
CA GLY A 58 -18.03 -6.03 -22.35
C GLY A 58 -16.65 -5.82 -21.76
N GLU A 59 -15.93 -4.77 -22.15
CA GLU A 59 -14.63 -4.51 -21.53
C GLU A 59 -14.81 -3.83 -20.18
N THR A 60 -14.21 -4.41 -19.14
CA THR A 60 -14.27 -3.88 -17.77
C THR A 60 -13.80 -2.44 -17.70
N THR A 61 -14.49 -1.60 -16.92
CA THR A 61 -14.03 -0.24 -16.66
C THR A 61 -14.08 0.12 -15.18
N SER A 62 -14.30 -0.86 -14.32
CA SER A 62 -14.36 -0.58 -12.90
C SER A 62 -13.02 -0.06 -12.38
N HIS A 63 -11.92 -0.63 -12.85
CA HIS A 63 -10.61 -0.21 -12.38
C HIS A 63 -10.32 1.22 -12.81
N LEU A 64 -10.80 1.58 -13.99
CA LEU A 64 -10.59 2.93 -14.51
C LEU A 64 -11.48 3.94 -13.80
N MET A 65 -12.75 3.57 -13.60
CA MET A 65 -13.65 4.39 -12.80
C MET A 65 -13.03 4.70 -11.45
N GLY A 66 -12.58 3.66 -10.75
CA GLY A 66 -12.00 3.85 -9.43
C GLY A 66 -10.74 4.70 -9.50
N MET A 67 -9.88 4.42 -10.48
CA MET A 67 -8.58 5.07 -10.44
C MET A 67 -8.67 6.53 -10.89
N PHE A 68 -9.55 6.82 -11.84
CA PHE A 68 -9.75 8.20 -12.26
C PHE A 68 -10.16 9.08 -11.08
N TYR A 69 -11.24 8.70 -10.39
CA TYR A 69 -11.83 9.60 -9.39
C TYR A 69 -11.06 9.59 -8.08
N ARG A 70 -10.49 8.45 -7.69
CA ARG A 70 -9.64 8.43 -6.50
C ARG A 70 -8.44 9.34 -6.68
N THR A 71 -7.82 9.31 -7.87
CA THR A 71 -6.64 10.14 -8.09
C THR A 71 -7.00 11.61 -8.08
N ILE A 72 -8.09 11.97 -8.76
CA ILE A 72 -8.55 13.36 -8.71
C ILE A 72 -8.82 13.78 -7.26
N ARG A 73 -9.37 12.88 -6.45
CA ARG A 73 -9.73 13.25 -5.09
C ARG A 73 -8.48 13.54 -4.26
N MET A 74 -7.45 12.71 -4.36
CA MET A 74 -6.18 12.98 -3.68
C MET A 74 -5.60 14.32 -4.13
N MET A 75 -5.49 14.54 -5.43
CA MET A 75 -4.95 15.80 -5.92
C MET A 75 -5.78 16.98 -5.43
N GLU A 76 -7.11 16.85 -5.39
CA GLU A 76 -7.90 17.94 -4.82
C GLU A 76 -7.58 18.18 -3.34
N ASN A 77 -7.00 17.21 -2.66
CA ASN A 77 -6.53 17.45 -1.31
C ASN A 77 -5.06 17.85 -1.26
N GLY A 78 -4.47 18.17 -2.41
CA GLY A 78 -3.08 18.55 -2.46
C GLY A 78 -2.12 17.43 -2.19
N ILE A 79 -2.57 16.19 -2.20
CA ILE A 79 -1.70 15.04 -2.07
C ILE A 79 -1.36 14.54 -3.48
N LYS A 80 -0.06 14.54 -3.78
CA LYS A 80 0.42 14.21 -5.11
C LYS A 80 0.87 12.77 -5.13
N PRO A 81 0.21 11.88 -5.87
CA PRO A 81 0.49 10.44 -5.75
C PRO A 81 1.42 9.89 -6.81
N VAL A 82 2.27 8.94 -6.44
CA VAL A 82 2.88 8.06 -7.43
C VAL A 82 2.38 6.63 -7.19
N TYR A 83 1.95 5.97 -8.27
CA TYR A 83 1.43 4.62 -8.24
C TYR A 83 2.55 3.63 -8.51
N VAL A 84 2.57 2.53 -7.76
CA VAL A 84 3.61 1.51 -7.88
C VAL A 84 2.93 0.20 -8.26
N PHE A 85 3.34 -0.39 -9.39
CA PHE A 85 2.79 -1.62 -9.93
C PHE A 85 3.63 -2.82 -9.52
N ASP A 86 2.97 -3.89 -9.11
CA ASP A 86 3.65 -5.11 -8.69
C ASP A 86 4.54 -5.70 -9.78
N GLY A 87 5.53 -6.47 -9.36
CA GLY A 87 6.45 -7.11 -10.28
C GLY A 87 6.13 -8.57 -10.44
N LYS A 88 7.06 -9.43 -10.06
CA LYS A 88 6.88 -10.87 -10.17
C LYS A 88 5.89 -11.40 -9.13
N VAL A 131 -11.52 -13.19 -8.89
CA VAL A 131 -11.14 -11.91 -9.48
C VAL A 131 -9.62 -11.81 -9.57
N LYS A 132 -9.11 -11.70 -10.79
CA LYS A 132 -7.68 -11.62 -11.02
C LYS A 132 -7.34 -10.34 -11.77
N VAL A 133 -6.30 -9.66 -11.32
CA VAL A 133 -5.87 -8.42 -11.97
C VAL A 133 -4.98 -8.80 -13.14
N THR A 134 -5.45 -8.51 -14.35
CA THR A 134 -4.79 -8.95 -15.56
C THR A 134 -3.75 -7.94 -16.00
N LYS A 135 -3.03 -8.30 -17.06
CA LYS A 135 -2.11 -7.33 -17.63
C LYS A 135 -2.88 -6.22 -18.31
N GLN A 136 -4.08 -6.53 -18.81
CA GLN A 136 -4.85 -5.51 -19.49
C GLN A 136 -5.28 -4.42 -18.51
N HIS A 137 -5.73 -4.83 -17.32
CA HIS A 137 -6.01 -3.88 -16.24
C HIS A 137 -4.83 -2.97 -16.00
N ASN A 138 -3.65 -3.57 -15.81
CA ASN A 138 -2.44 -2.78 -15.55
C ASN A 138 -2.23 -1.75 -16.64
N ASP A 139 -2.14 -2.22 -17.90
CA ASP A 139 -1.82 -1.35 -19.01
C ASP A 139 -2.85 -0.23 -19.19
N GLU A 140 -4.14 -0.55 -19.03
CA GLU A 140 -5.16 0.50 -19.14
C GLU A 140 -5.08 1.48 -17.98
N CYS A 141 -4.69 1.02 -16.78
CA CYS A 141 -4.52 2.00 -15.70
C CYS A 141 -3.28 2.84 -15.94
N LYS A 142 -2.25 2.25 -16.55
CA LYS A 142 -1.06 3.03 -16.84
C LYS A 142 -1.35 4.07 -17.93
N HIS A 143 -2.05 3.66 -18.99
CA HIS A 143 -2.47 4.59 -20.03
C HIS A 143 -3.26 5.75 -19.44
N LEU A 144 -4.29 5.45 -18.66
CA LEU A 144 -5.07 6.49 -17.97
C LEU A 144 -4.18 7.43 -17.17
N LEU A 145 -3.18 6.90 -16.46
CA LEU A 145 -2.41 7.75 -15.56
C LEU A 145 -1.48 8.69 -16.33
N SER A 146 -0.85 8.19 -17.40
CA SER A 146 -0.10 9.08 -18.28
C SER A 146 -1.00 10.20 -18.80
N LEU A 147 -2.21 9.84 -19.20
CA LEU A 147 -3.12 10.84 -19.78
C LEU A 147 -3.55 11.84 -18.73
N MET A 148 -3.60 11.42 -17.47
CA MET A 148 -3.93 12.32 -16.40
C MET A 148 -2.72 13.17 -16.05
N GLY A 149 -1.55 12.72 -16.46
CA GLY A 149 -0.32 13.34 -16.06
C GLY A 149 0.16 12.93 -14.69
N ILE A 150 -0.11 11.69 -14.29
CA ILE A 150 0.20 11.21 -12.94
C ILE A 150 1.32 10.19 -13.08
N PRO A 151 2.39 10.26 -12.26
CA PRO A 151 3.51 9.33 -12.43
C PRO A 151 3.20 7.93 -11.93
N TYR A 152 4.00 6.99 -12.39
CA TYR A 152 3.91 5.63 -11.91
C TYR A 152 5.25 4.96 -12.13
N LEU A 153 5.53 3.97 -11.29
CA LEU A 153 6.77 3.23 -11.36
C LEU A 153 6.44 1.75 -11.38
N ASP A 154 7.30 0.98 -11.99
CA ASP A 154 7.11 -0.46 -12.07
C ASP A 154 8.06 -1.06 -11.08
N ALA A 155 7.56 -1.96 -10.26
CA ALA A 155 8.41 -2.57 -9.27
C ALA A 155 8.91 -3.93 -9.71
N PRO A 156 10.20 -4.20 -9.49
CA PRO A 156 10.77 -5.52 -9.74
C PRO A 156 9.96 -6.63 -9.11
N SER A 157 9.52 -6.45 -7.86
CA SER A 157 8.88 -7.52 -7.13
C SER A 157 7.63 -7.06 -6.37
N GLU A 158 7.75 -6.87 -5.07
CA GLU A 158 6.59 -6.49 -4.26
C GLU A 158 6.41 -4.98 -4.26
N ALA A 159 5.21 -4.52 -4.60
CA ALA A 159 4.91 -3.10 -4.61
C ALA A 159 5.08 -2.49 -3.23
N GLU A 160 4.61 -3.20 -2.20
CA GLU A 160 4.75 -2.65 -0.86
C GLU A 160 6.21 -2.34 -0.53
N ALA A 161 7.13 -3.28 -0.79
CA ALA A 161 8.53 -3.04 -0.45
C ALA A 161 9.08 -1.86 -1.23
N SER A 162 8.76 -1.79 -2.53
CA SER A 162 9.30 -0.70 -3.34
C SER A 162 8.67 0.62 -2.96
N CYS A 163 7.42 0.59 -2.47
CA CYS A 163 6.88 1.79 -1.86
C CYS A 163 7.72 2.19 -0.66
N ALA A 164 8.04 1.23 0.20
CA ALA A 164 8.89 1.54 1.34
C ALA A 164 10.20 2.15 0.87
N ALA A 165 10.75 1.66 -0.24
CA ALA A 165 12.06 2.17 -0.67
C ALA A 165 11.98 3.65 -1.06
N LEU A 166 10.87 4.04 -1.68
CA LEU A 166 10.64 5.46 -1.97
C LEU A 166 10.56 6.27 -0.68
N VAL A 167 9.86 5.76 0.35
CA VAL A 167 9.80 6.52 1.60
C VAL A 167 11.19 6.63 2.21
N LYS A 168 11.90 5.51 2.37
CA LYS A 168 13.25 5.55 2.92
C LYS A 168 14.10 6.60 2.22
N ALA A 169 14.09 6.60 0.88
CA ALA A 169 14.99 7.48 0.13
C ALA A 169 14.56 8.94 0.14
N GLY A 170 13.45 9.28 0.79
CA GLY A 170 13.00 10.64 0.81
C GLY A 170 12.32 11.09 -0.46
N LYS A 171 11.93 10.15 -1.31
CA LYS A 171 11.34 10.55 -2.58
C LYS A 171 9.85 10.85 -2.41
N VAL A 172 9.23 10.29 -1.36
CA VAL A 172 7.85 10.62 -1.01
C VAL A 172 7.75 10.76 0.51
N TYR A 173 6.67 11.39 0.94
CA TYR A 173 6.48 11.56 2.38
C TYR A 173 6.06 10.25 3.03
N ALA A 174 5.25 9.43 2.36
CA ALA A 174 4.74 8.24 3.02
C ALA A 174 4.18 7.29 1.98
N ALA A 175 4.03 6.04 2.38
CA ALA A 175 3.18 5.09 1.68
C ALA A 175 1.77 5.23 2.23
N ALA A 176 0.80 5.38 1.34
CA ALA A 176 -0.61 5.31 1.68
C ALA A 176 -1.14 3.98 1.14
N THR A 177 -1.07 2.93 1.96
CA THR A 177 -1.59 1.63 1.59
C THR A 177 -2.33 1.00 2.77
N GLU A 178 -3.06 -0.08 2.47
CA GLU A 178 -3.81 -0.83 3.46
C GLU A 178 -3.07 -2.08 3.92
N ASP A 179 -1.76 -2.18 3.66
CA ASP A 179 -0.93 -3.31 4.05
C ASP A 179 0.04 -2.89 5.17
N MET A 180 -0.13 -3.50 6.34
CA MET A 180 0.83 -3.22 7.40
C MET A 180 2.22 -3.71 7.05
N ALA A 181 2.36 -4.58 6.04
CA ALA A 181 3.69 -5.09 5.75
C ALA A 181 4.61 -4.01 5.19
N CYS A 182 4.07 -2.82 4.92
CA CYS A 182 4.93 -1.72 4.46
C CYS A 182 5.91 -1.39 5.59
N LEU A 183 5.41 -1.32 6.82
CA LEU A 183 6.23 -1.18 8.01
C LEU A 183 7.23 -2.31 8.13
N THR A 184 6.78 -3.53 7.86
CA THR A 184 7.68 -4.67 7.91
C THR A 184 8.78 -4.56 6.85
N PHE A 185 8.52 -3.87 5.75
CA PHE A 185 9.55 -3.62 4.74
C PHE A 185 10.43 -2.41 5.06
N GLY A 186 10.26 -1.79 6.24
CA GLY A 186 11.14 -0.72 6.68
C GLY A 186 10.66 0.70 6.40
N SER A 187 9.45 0.87 5.87
CA SER A 187 8.94 2.19 5.52
C SER A 187 8.81 3.07 6.76
N PRO A 188 9.44 4.25 6.80
CA PRO A 188 9.36 5.09 8.00
C PRO A 188 7.96 5.57 8.34
N VAL A 189 7.10 5.77 7.33
CA VAL A 189 5.77 6.32 7.53
C VAL A 189 4.79 5.59 6.63
N LEU A 190 3.60 5.32 7.17
CA LEU A 190 2.54 4.62 6.46
C LEU A 190 1.22 5.28 6.82
N MET A 191 0.55 5.83 5.81
CA MET A 191 -0.78 6.41 5.97
C MET A 191 -1.78 5.29 5.76
N PHE A 192 -2.53 4.97 6.82
CA PHE A 192 -3.44 3.83 6.84
C PHE A 192 -4.85 4.35 6.59
N HIS A 193 -5.61 3.64 5.75
CA HIS A 193 -6.98 4.03 5.42
C HIS A 193 -7.13 5.50 5.04
N LEU A 194 -6.35 5.91 4.03
CA LEU A 194 -6.44 7.29 3.56
C LEU A 194 -7.77 7.58 2.89
N THR A 195 -8.25 6.66 2.03
CA THR A 195 -9.46 6.96 1.27
C THR A 195 -10.70 6.87 2.15
N ALA A 196 -10.76 5.87 3.01
CA ALA A 196 -11.82 5.80 4.00
C ALA A 196 -11.87 7.07 4.86
N SER A 197 -10.71 7.56 5.31
CA SER A 197 -10.74 8.79 6.10
C SER A 197 -11.18 9.98 5.27
N GLU A 198 -10.75 10.05 4.01
CA GLU A 198 -11.12 11.17 3.15
C GLU A 198 -12.64 11.24 2.99
N ALA A 199 -13.25 10.12 2.61
CA ALA A 199 -14.70 10.08 2.46
C ALA A 199 -15.42 10.37 3.79
N LYS A 200 -14.99 9.76 4.88
CA LYS A 200 -15.69 9.96 6.15
C LYS A 200 -15.31 11.25 6.86
N LYS A 201 -14.51 12.12 6.23
CA LYS A 201 -14.09 13.38 6.87
C LYS A 201 -13.48 13.12 8.25
N LEU A 202 -12.71 12.05 8.34
CA LEU A 202 -12.08 11.55 9.53
C LEU A 202 -10.57 11.80 9.52
N PRO A 203 -9.92 11.84 10.68
CA PRO A 203 -8.47 12.06 10.70
C PRO A 203 -7.72 10.85 10.18
N ILE A 204 -6.52 11.11 9.65
CA ILE A 204 -5.74 10.08 8.96
C ILE A 204 -4.79 9.40 9.95
N GLN A 205 -4.91 8.09 10.09
CA GLN A 205 -3.98 7.30 10.91
C GLN A 205 -2.62 7.19 10.22
N GLU A 206 -1.58 7.62 10.90
CA GLU A 206 -0.24 7.65 10.35
C GLU A 206 0.72 6.91 11.27
N PHE A 207 1.21 5.76 10.81
CA PHE A 207 2.08 4.88 11.57
C PHE A 207 3.54 5.30 11.39
N HIS A 208 4.27 5.43 12.49
CA HIS A 208 5.67 5.85 12.45
C HIS A 208 6.57 4.70 12.91
N LEU A 209 7.28 4.09 11.96
CA LEU A 209 8.07 2.90 12.25
C LEU A 209 9.07 3.14 13.36
N SER A 210 9.72 4.30 13.35
CA SER A 210 10.73 4.60 14.37
C SER A 210 10.14 4.60 15.77
N ARG A 211 8.92 5.13 15.95
CA ARG A 211 8.33 5.10 17.28
C ARG A 211 7.90 3.68 17.65
N ILE A 212 7.53 2.88 16.65
CA ILE A 212 7.17 1.49 16.90
C ILE A 212 8.34 0.75 17.51
N LEU A 213 9.49 0.82 16.86
CA LEU A 213 10.67 0.13 17.37
C LEU A 213 11.05 0.64 18.77
N GLN A 214 10.94 1.94 19.00
CA GLN A 214 11.32 2.51 20.29
C GLN A 214 10.41 2.02 21.41
N GLU A 215 9.10 1.96 21.16
CA GLU A 215 8.17 1.49 22.18
C GLU A 215 8.32 0.00 22.45
N LEU A 216 8.68 -0.78 21.43
CA LEU A 216 8.83 -2.21 21.63
C LEU A 216 10.23 -2.60 22.07
N GLY A 217 11.20 -1.69 21.99
CA GLY A 217 12.56 -2.00 22.34
C GLY A 217 13.20 -2.96 21.36
N LEU A 218 12.99 -2.69 20.07
CA LEU A 218 13.33 -3.65 19.04
C LEU A 218 14.01 -2.94 17.88
N ASN A 219 15.01 -3.58 17.28
CA ASN A 219 15.57 -3.04 16.04
C ASN A 219 14.74 -3.52 14.85
N GLN A 220 15.11 -3.09 13.65
CA GLN A 220 14.30 -3.45 12.48
C GLN A 220 14.32 -4.95 12.23
N GLU A 221 15.51 -5.55 12.31
CA GLU A 221 15.65 -6.98 12.14
C GLU A 221 14.77 -7.75 13.12
N GLN A 222 14.73 -7.31 14.38
CA GLN A 222 13.92 -8.01 15.38
C GLN A 222 12.44 -7.79 15.13
N PHE A 223 12.08 -6.66 14.53
CA PHE A 223 10.69 -6.37 14.23
C PHE A 223 10.18 -7.25 13.09
N VAL A 224 11.03 -7.54 12.11
CA VAL A 224 10.67 -8.50 11.08
C VAL A 224 10.24 -9.82 11.71
N ASP A 225 11.07 -10.36 12.62
CA ASP A 225 10.76 -11.67 13.18
C ASP A 225 9.44 -11.65 13.94
N LEU A 226 9.18 -10.58 14.70
CA LEU A 226 7.86 -10.44 15.32
C LEU A 226 6.74 -10.58 14.28
N CYS A 227 6.83 -9.83 13.17
CA CYS A 227 5.76 -9.84 12.18
C CYS A 227 5.57 -11.23 11.59
N ILE A 228 6.66 -11.99 11.47
CA ILE A 228 6.55 -13.37 11.02
C ILE A 228 5.78 -14.19 12.06
N LEU A 229 6.09 -13.99 13.33
CA LEU A 229 5.37 -14.70 14.38
C LEU A 229 3.89 -14.31 14.40
N LEU A 230 3.59 -13.05 14.10
CA LEU A 230 2.19 -12.64 14.06
C LEU A 230 1.44 -13.35 12.95
N GLY A 231 2.10 -13.55 11.82
CA GLY A 231 1.46 -14.12 10.66
C GLY A 231 1.64 -13.23 9.45
N SER A 232 2.56 -13.62 8.58
CA SER A 232 2.82 -12.89 7.35
C SER A 232 2.36 -13.74 6.18
N ASP A 233 2.33 -13.12 5.00
CA ASP A 233 1.90 -13.83 3.80
C ASP A 233 2.92 -14.89 3.37
N TYR A 234 4.18 -14.74 3.78
CA TYR A 234 5.23 -15.57 3.18
C TYR A 234 5.31 -16.94 3.82
N CYS A 235 4.99 -17.07 5.10
CA CYS A 235 5.16 -18.36 5.76
C CYS A 235 4.20 -18.48 6.94
N GLU A 236 4.31 -19.60 7.64
CA GLU A 236 3.43 -19.95 8.73
C GLU A 236 3.81 -19.20 10.01
N SER A 237 2.92 -19.26 11.00
CA SER A 237 3.19 -18.81 12.35
C SER A 237 3.09 -20.01 13.30
N ILE A 238 3.81 -19.94 14.42
CA ILE A 238 3.80 -21.03 15.41
C ILE A 238 2.45 -21.10 16.09
N ARG A 239 1.83 -22.26 16.04
CA ARG A 239 0.56 -22.45 16.73
C ARG A 239 0.76 -22.41 18.26
N GLY A 240 -0.05 -21.60 18.92
CA GLY A 240 0.10 -21.32 20.34
C GLY A 240 0.71 -19.97 20.63
N ILE A 241 1.33 -19.34 19.65
CA ILE A 241 2.10 -18.12 19.82
C ILE A 241 1.29 -17.01 19.16
N GLY A 242 0.65 -16.19 19.99
CA GLY A 242 -0.17 -15.08 19.56
C GLY A 242 0.50 -13.75 19.81
N PRO A 243 -0.25 -12.66 19.80
CA PRO A 243 0.43 -11.35 19.92
C PRO A 243 1.07 -11.13 21.27
N LYS A 244 0.45 -11.57 22.37
CA LYS A 244 1.12 -11.44 23.64
C LYS A 244 2.42 -12.23 23.65
N ARG A 245 2.34 -13.55 23.43
CA ARG A 245 3.52 -14.39 23.62
C ARG A 245 4.63 -14.03 22.65
N ALA A 246 4.26 -13.48 21.49
CA ALA A 246 5.26 -13.18 20.48
C ALA A 246 6.14 -12.03 20.91
N VAL A 247 5.53 -10.95 21.41
CA VAL A 247 6.32 -9.82 21.88
C VAL A 247 7.31 -10.24 22.97
N ASP A 248 6.85 -11.00 23.97
CA ASP A 248 7.75 -11.42 25.06
C ASP A 248 8.95 -12.18 24.52
N LEU A 249 8.71 -13.20 23.69
CA LEU A 249 9.79 -14.03 23.22
C LEU A 249 10.79 -13.23 22.39
N ILE A 250 10.28 -12.28 21.59
CA ILE A 250 11.16 -11.46 20.76
C ILE A 250 12.04 -10.57 21.62
N GLN A 251 11.43 -9.88 22.59
CA GLN A 251 12.18 -9.03 23.51
C GLN A 251 13.17 -9.84 24.35
N LYS A 252 12.83 -11.09 24.66
CA LYS A 252 13.69 -11.91 25.50
C LYS A 252 14.82 -12.53 24.71
N HIS A 253 14.53 -13.03 23.50
CA HIS A 253 15.44 -13.93 22.79
C HIS A 253 16.00 -13.33 21.50
N LYS A 254 15.30 -12.37 20.90
CA LYS A 254 15.74 -11.46 19.84
C LYS A 254 15.76 -12.05 18.42
N SER A 255 15.60 -13.37 18.24
CA SER A 255 15.60 -13.92 16.87
C SER A 255 14.75 -15.18 16.83
N ILE A 256 14.20 -15.46 15.64
CA ILE A 256 13.36 -16.63 15.48
C ILE A 256 14.16 -17.90 15.75
N GLU A 257 15.38 -18.00 15.20
CA GLU A 257 16.15 -19.22 15.38
C GLU A 257 16.45 -19.47 16.84
N GLU A 258 16.80 -18.41 17.58
CA GLU A 258 16.98 -18.55 19.01
C GLU A 258 15.72 -19.06 19.69
N ILE A 259 14.56 -18.60 19.24
CA ILE A 259 13.30 -18.96 19.91
C ILE A 259 13.12 -20.47 19.95
N VAL A 260 13.28 -21.14 18.81
CA VAL A 260 13.07 -22.59 18.73
C VAL A 260 14.02 -23.34 19.68
N ARG A 261 15.25 -22.84 19.83
CA ARG A 261 16.18 -23.49 20.75
C ARG A 261 15.67 -23.41 22.19
N ARG A 262 15.27 -22.20 22.61
CA ARG A 262 14.77 -22.00 23.97
C ARG A 262 13.34 -22.54 24.13
N LEU A 263 12.53 -22.50 23.06
CA LEU A 263 11.19 -23.06 23.15
C LEU A 263 11.24 -24.54 23.52
N ASP A 264 10.20 -24.97 24.23
CA ASP A 264 9.95 -26.38 24.48
C ASP A 264 9.33 -26.99 23.23
N PRO A 265 10.01 -27.92 22.54
CA PRO A 265 9.42 -28.46 21.31
C PRO A 265 8.10 -29.18 21.51
N ASN A 266 7.90 -29.82 22.66
CA ASN A 266 6.66 -30.56 22.88
C ASN A 266 5.47 -29.62 22.96
N LYS A 267 5.65 -28.47 23.62
CA LYS A 267 4.51 -27.62 23.91
C LYS A 267 4.19 -26.68 22.75
N TYR A 268 5.21 -26.23 22.03
CA TYR A 268 5.05 -25.29 20.92
C TYR A 268 5.81 -25.79 19.70
N PRO A 269 5.35 -26.89 19.09
CA PRO A 269 6.05 -27.41 17.90
C PRO A 269 5.87 -26.48 16.71
N VAL A 270 6.96 -26.18 16.02
CA VAL A 270 6.89 -25.37 14.81
C VAL A 270 6.40 -26.26 13.67
N PRO A 271 5.71 -25.70 12.68
CA PRO A 271 5.36 -26.48 11.48
C PRO A 271 6.58 -27.00 10.74
N GLU A 272 6.35 -28.04 9.92
CA GLU A 272 7.43 -28.72 9.23
C GLU A 272 7.92 -27.92 8.03
N ASN A 273 9.24 -28.01 7.76
CA ASN A 273 9.90 -27.25 6.68
C ASN A 273 9.48 -25.79 6.71
N TRP A 274 9.51 -25.23 7.91
CA TRP A 274 9.14 -23.85 8.13
C TRP A 274 10.05 -22.90 7.37
N LEU A 275 9.47 -22.03 6.54
CA LEU A 275 10.22 -21.15 5.66
C LEU A 275 10.46 -19.77 6.27
N HIS A 276 10.62 -19.70 7.60
CA HIS A 276 10.82 -18.41 8.27
C HIS A 276 12.12 -17.75 7.83
N LYS A 277 13.16 -18.54 7.57
CA LYS A 277 14.44 -17.98 7.15
C LYS A 277 14.29 -17.23 5.83
N GLU A 278 13.56 -17.82 4.89
CA GLU A 278 13.35 -17.19 3.59
C GLU A 278 12.47 -15.97 3.71
N ALA A 279 11.36 -16.09 4.45
CA ALA A 279 10.48 -14.95 4.70
C ALA A 279 11.24 -13.82 5.39
N HIS A 280 12.07 -14.14 6.39
CA HIS A 280 12.90 -13.14 7.03
C HIS A 280 13.76 -12.42 6.00
N GLN A 281 14.24 -13.15 5.00
CA GLN A 281 15.11 -12.56 3.98
C GLN A 281 14.31 -11.69 3.00
N LEU A 282 13.04 -12.06 2.75
CA LEU A 282 12.21 -11.29 1.83
C LEU A 282 11.85 -9.92 2.40
N PHE A 283 11.66 -9.83 3.71
CA PHE A 283 11.38 -8.54 4.32
C PHE A 283 12.65 -7.70 4.46
N LEU A 284 13.75 -8.32 4.88
CA LEU A 284 14.92 -7.53 5.25
C LEU A 284 15.65 -6.98 4.03
N GLU A 285 15.75 -7.78 2.98
CA GLU A 285 16.44 -7.40 1.75
C GLU A 285 15.54 -7.76 0.58
N PRO A 286 14.54 -6.95 0.30
CA PRO A 286 13.64 -7.23 -0.82
C PRO A 286 14.16 -6.69 -2.13
N GLU A 287 13.76 -7.33 -3.22
CA GLU A 287 14.03 -6.77 -4.53
C GLU A 287 13.16 -5.52 -4.69
N VAL A 288 13.79 -4.38 -5.01
CA VAL A 288 13.10 -3.10 -5.11
C VAL A 288 13.68 -2.29 -6.26
N LEU A 289 12.94 -1.26 -6.68
CA LEU A 289 13.43 -0.29 -7.64
C LEU A 289 14.43 0.68 -6.99
N ASP A 290 15.09 1.49 -7.84
CA ASP A 290 16.04 2.50 -7.37
C ASP A 290 15.38 3.87 -7.24
N PRO A 291 15.22 4.41 -6.03
CA PRO A 291 14.45 5.66 -5.91
C PRO A 291 15.18 6.89 -6.41
N GLU A 292 16.48 6.77 -6.65
CA GLU A 292 17.21 7.84 -7.33
C GLU A 292 17.03 7.78 -8.84
N SER A 293 16.65 6.61 -9.35
CA SER A 293 16.56 6.37 -10.79
C SER A 293 15.57 7.14 -11.67
N VAL A 294 14.36 7.34 -11.19
CA VAL A 294 13.31 7.96 -11.99
C VAL A 294 12.91 9.26 -11.30
N GLU A 295 12.73 10.32 -12.10
CA GLU A 295 12.19 11.57 -11.60
C GLU A 295 10.68 11.47 -11.61
N LEU A 296 10.08 11.78 -10.47
CA LEU A 296 8.64 11.82 -10.31
C LEU A 296 8.15 13.20 -10.75
N LYS A 297 7.31 13.24 -11.77
CA LYS A 297 6.80 14.52 -12.26
C LYS A 297 5.29 14.42 -12.44
N TRP A 298 4.59 15.51 -12.11
CA TRP A 298 3.14 15.60 -12.15
C TRP A 298 2.76 16.64 -13.19
N SER A 299 2.14 16.19 -14.28
CA SER A 299 1.94 16.99 -15.49
C SER A 299 0.47 17.40 -15.65
N GLU A 300 0.25 18.32 -16.58
CA GLU A 300 -1.11 18.75 -16.87
C GLU A 300 -1.82 17.65 -17.65
N PRO A 301 -3.11 17.42 -17.40
CA PRO A 301 -3.78 16.31 -18.07
C PRO A 301 -4.10 16.61 -19.54
N ASN A 302 -3.99 15.58 -20.36
CA ASN A 302 -4.17 15.68 -21.81
C ASN A 302 -5.64 15.43 -22.09
N GLU A 303 -6.42 16.51 -22.17
CA GLU A 303 -7.86 16.33 -22.12
C GLU A 303 -8.40 15.61 -23.35
N GLU A 304 -7.92 15.97 -24.55
CA GLU A 304 -8.49 15.37 -25.74
C GLU A 304 -8.19 13.88 -25.83
N GLU A 305 -7.00 13.49 -25.38
CA GLU A 305 -6.68 12.07 -25.36
C GLU A 305 -7.49 11.35 -24.28
N LEU A 306 -7.76 12.02 -23.16
CA LEU A 306 -8.63 11.43 -22.15
C LEU A 306 -10.05 11.25 -22.67
N ILE A 307 -10.56 12.22 -23.44
CA ILE A 307 -11.88 12.07 -24.02
C ILE A 307 -11.89 10.93 -25.03
N LYS A 308 -10.89 10.89 -25.91
CA LYS A 308 -10.80 9.82 -26.90
C LYS A 308 -10.80 8.44 -26.23
N PHE A 309 -10.15 8.32 -25.06
CA PHE A 309 -9.96 7.00 -24.47
C PHE A 309 -11.08 6.64 -23.50
N MET A 310 -11.35 7.50 -22.50
CA MET A 310 -12.40 7.21 -21.51
C MET A 310 -13.80 7.31 -22.11
N CYS A 311 -14.03 8.25 -23.02
CA CYS A 311 -15.34 8.41 -23.64
C CYS A 311 -15.47 7.67 -24.96
N GLY A 312 -14.57 7.93 -25.90
CA GLY A 312 -14.63 7.23 -27.18
C GLY A 312 -14.61 5.72 -27.05
N GLU A 313 -13.65 5.18 -26.33
CA GLU A 313 -13.53 3.73 -26.30
C GLU A 313 -14.26 3.12 -25.10
N LYS A 314 -13.98 3.63 -23.93
CA LYS A 314 -14.49 3.02 -22.72
C LYS A 314 -15.89 3.48 -22.37
N GLN A 315 -16.40 4.51 -23.06
CA GLN A 315 -17.81 4.87 -23.03
C GLN A 315 -18.22 5.50 -21.69
N PHE A 316 -17.30 6.22 -21.07
CA PHE A 316 -17.64 7.08 -19.95
C PHE A 316 -18.41 8.30 -20.45
N SER A 317 -19.13 8.93 -19.53
CA SER A 317 -19.86 10.14 -19.86
C SER A 317 -18.90 11.31 -20.10
N GLU A 318 -19.06 11.98 -21.24
CA GLU A 318 -18.16 13.09 -21.58
C GLU A 318 -18.27 14.22 -20.57
N GLU A 319 -19.48 14.53 -20.11
CA GLU A 319 -19.61 15.61 -19.14
C GLU A 319 -18.88 15.29 -17.84
N ARG A 320 -18.94 14.04 -17.40
CA ARG A 320 -18.26 13.68 -16.16
C ARG A 320 -16.75 13.72 -16.32
N ILE A 321 -16.24 13.22 -17.44
CA ILE A 321 -14.80 13.24 -17.68
C ILE A 321 -14.28 14.68 -17.77
N ARG A 322 -14.97 15.56 -18.50
CA ARG A 322 -14.53 16.94 -18.51
C ARG A 322 -14.60 17.53 -17.11
N SER A 323 -15.65 17.18 -16.38
CA SER A 323 -15.80 17.73 -15.05
C SER A 323 -14.70 17.22 -14.13
N GLY A 324 -14.27 15.98 -14.34
CA GLY A 324 -13.15 15.48 -13.56
C GLY A 324 -11.85 16.17 -13.93
N VAL A 325 -11.62 16.37 -15.23
CA VAL A 325 -10.42 17.06 -15.67
C VAL A 325 -10.39 18.47 -15.11
N LYS A 326 -11.51 19.19 -15.18
CA LYS A 326 -11.54 20.54 -14.66
C LYS A 326 -11.10 20.59 -13.20
N ARG A 327 -11.62 19.68 -12.36
CA ARG A 327 -11.18 19.60 -10.98
C ARG A 327 -9.70 19.26 -10.88
N LEU A 328 -9.21 18.42 -11.80
CA LEU A 328 -7.79 18.09 -11.84
C LEU A 328 -6.94 19.32 -12.16
N SER A 329 -7.41 20.15 -13.09
CA SER A 329 -6.70 21.38 -13.40
C SER A 329 -6.73 22.35 -12.21
N LYS A 330 -7.89 22.49 -11.59
CA LYS A 330 -8.03 23.38 -10.45
C LYS A 330 -7.12 22.93 -9.30
N SER A 331 -6.98 21.62 -9.13
CA SER A 331 -6.13 21.07 -8.08
C SER A 331 -4.69 21.47 -8.27
N ARG A 332 -4.23 21.46 -9.51
CA ARG A 332 -2.86 21.86 -9.81
C ARG A 332 -2.67 23.32 -9.43
N GLN A 333 -3.74 24.09 -9.57
CA GLN A 333 -3.73 25.51 -9.25
C GLN A 333 -3.25 26.31 -10.44
K K E . -0.16 -18.25 15.71
#